data_6T84
#
_entry.id   6T84
#
_cell.length_a   62.240
_cell.length_b   70.090
_cell.length_c   86.010
_cell.angle_alpha   90.000
_cell.angle_beta   90.000
_cell.angle_gamma   90.000
#
_symmetry.space_group_name_H-M   'I 2 2 2'
#
loop_
_entity.id
_entity.type
_entity.pdbx_description
1 polymer 'Uncharacterized protein'
2 non-polymer 'SULFATE ION'
3 water water
#
_entity_poly.entity_id   1
_entity_poly.type   'polypeptide(L)'
_entity_poly.pdbx_seq_one_letter_code
;GHMIDRRRGLGRRRKSWAKSHGFDYEYESEDLLKRWKRGVMSTVGDVTAKNVVLGQIRGEAVFIFDIEEVATVIALHRKV
GTNVVVDLRLKGLKEPRENDIWLLGAIGPRMVYSTNLDAARRACDRRMVTFAHTAPDCAEIMWNEQNWTLVAMPVTSNRA
QWDEGLRTVRQFNDLLRVLPPVPQNAS
;
_entity_poly.pdbx_strand_id   A
#
# COMPACT_ATOMS: atom_id res chain seq x y z
N ARG A 7 9.94 9.12 13.93
CA ARG A 7 11.27 9.73 13.96
C ARG A 7 12.22 9.08 14.99
N ARG A 8 12.14 9.53 16.24
CA ARG A 8 12.98 8.96 17.30
C ARG A 8 12.41 7.63 17.78
N GLY A 9 13.29 6.69 18.11
CA GLY A 9 12.88 5.37 18.57
C GLY A 9 12.13 4.54 17.57
N LEU A 10 12.29 4.85 16.28
CA LEU A 10 11.50 4.21 15.25
C LEU A 10 11.68 2.71 15.26
N GLY A 11 12.92 2.22 15.38
CA GLY A 11 13.17 0.79 15.37
C GLY A 11 12.57 0.09 16.58
N ARG A 12 12.76 0.66 17.76
CA ARG A 12 12.19 0.06 18.96
CA ARG A 12 12.20 0.07 18.96
C ARG A 12 10.67 0.02 18.87
N ARG A 13 10.08 1.11 18.40
CA ARG A 13 8.60 1.17 18.31
C ARG A 13 8.08 0.19 17.27
N ARG A 14 8.79 0.04 16.13
CA ARG A 14 8.35 -0.91 15.12
C ARG A 14 8.48 -2.35 15.62
N LYS A 15 9.55 -2.66 16.35
CA LYS A 15 9.70 -3.98 16.97
C LYS A 15 8.60 -4.26 18.00
N SER A 16 8.26 -3.27 18.84
N SER A 16 8.24 -3.26 18.81
CA SER A 16 7.17 -3.45 19.80
CA SER A 16 7.20 -3.46 19.80
C SER A 16 5.85 -3.72 19.08
C SER A 16 5.84 -3.69 19.12
N TRP A 17 5.57 -2.98 18.03
CA TRP A 17 4.33 -3.16 17.29
C TRP A 17 4.29 -4.53 16.62
N ALA A 18 5.40 -4.96 16.04
CA ALA A 18 5.47 -6.31 15.48
C ALA A 18 5.15 -7.34 16.54
N LYS A 19 5.72 -7.19 17.74
CA LYS A 19 5.44 -8.14 18.82
C LYS A 19 3.94 -8.15 19.18
N SER A 20 3.31 -6.97 19.27
CA SER A 20 1.88 -6.96 19.58
C SER A 20 1.09 -7.80 18.58
N HIS A 21 1.45 -7.72 17.31
CA HIS A 21 0.74 -8.39 16.23
C HIS A 21 1.19 -9.84 16.03
N GLY A 22 2.20 -10.32 16.77
CA GLY A 22 2.73 -11.66 16.51
C GLY A 22 3.44 -11.74 15.18
N PHE A 23 4.01 -10.64 14.71
CA PHE A 23 4.71 -10.61 13.43
C PHE A 23 6.22 -10.66 13.67
N ASP A 24 6.98 -11.07 12.67
CA ASP A 24 8.43 -11.07 12.82
C ASP A 24 9.00 -9.72 12.43
N TYR A 25 10.12 -9.35 13.05
CA TYR A 25 10.81 -8.09 12.77
C TYR A 25 12.22 -8.38 12.24
N GLU A 26 12.65 -7.61 11.25
CA GLU A 26 14.04 -7.63 10.77
C GLU A 26 14.50 -6.20 10.55
N TYR A 27 15.76 -5.90 10.87
N TYR A 27 15.77 -5.93 10.86
CA TYR A 27 16.16 -4.53 10.65
CA TYR A 27 16.29 -4.59 10.68
C TYR A 27 16.21 -4.17 9.18
C TYR A 27 16.29 -4.18 9.23
N GLU A 28 16.58 -5.12 8.33
CA GLU A 28 16.70 -4.80 6.91
C GLU A 28 16.47 -6.08 6.14
N SER A 29 15.94 -5.92 4.93
CA SER A 29 15.83 -7.06 4.02
C SER A 29 16.30 -6.60 2.66
N GLU A 30 17.36 -7.25 2.17
CA GLU A 30 18.03 -6.71 0.99
C GLU A 30 17.30 -6.98 -0.31
N ASP A 31 16.41 -7.95 -0.38
CA ASP A 31 15.76 -8.24 -1.65
C ASP A 31 14.27 -7.92 -1.66
N LEU A 32 13.70 -7.53 -0.54
CA LEU A 32 12.25 -7.42 -0.43
C LEU A 32 11.63 -6.53 -1.53
N LEU A 33 12.21 -5.35 -1.78
CA LEU A 33 11.56 -4.34 -2.62
C LEU A 33 11.43 -4.75 -4.07
N LYS A 34 12.20 -5.74 -4.50
CA LYS A 34 12.19 -6.06 -5.91
C LYS A 34 10.87 -6.63 -6.38
N ARG A 35 9.97 -7.01 -5.46
N ARG A 35 9.99 -7.03 -5.47
CA ARG A 35 8.79 -7.68 -5.95
CA ARG A 35 8.78 -7.69 -5.93
C ARG A 35 7.71 -6.70 -6.39
C ARG A 35 7.65 -6.72 -6.25
N TRP A 36 7.87 -5.41 -6.09
CA TRP A 36 6.87 -4.41 -6.44
C TRP A 36 7.46 -3.33 -7.33
N LYS A 37 6.67 -2.86 -8.30
CA LYS A 37 7.20 -2.01 -9.35
C LYS A 37 6.51 -0.66 -9.47
N ARG A 38 5.33 -0.49 -8.87
CA ARG A 38 4.53 0.71 -9.12
C ARG A 38 4.36 1.52 -7.84
N GLY A 39 3.38 2.45 -7.81
CA GLY A 39 3.21 3.30 -6.64
C GLY A 39 4.50 4.01 -6.32
N VAL A 40 4.86 4.01 -5.04
CA VAL A 40 6.14 4.63 -4.66
C VAL A 40 7.36 3.88 -5.13
N MET A 41 7.21 2.64 -5.59
CA MET A 41 8.37 1.87 -6.00
C MET A 41 8.96 2.35 -7.33
N SER A 42 8.18 3.05 -8.15
CA SER A 42 8.74 3.47 -9.43
C SER A 42 9.64 4.70 -9.32
N THR A 43 9.44 5.54 -8.30
CA THR A 43 10.23 6.75 -8.11
C THR A 43 11.41 6.56 -7.15
N VAL A 44 11.81 5.32 -6.88
CA VAL A 44 12.96 5.03 -6.03
C VAL A 44 13.80 3.93 -6.65
N GLY A 45 15.05 3.88 -6.23
CA GLY A 45 15.96 2.85 -6.69
C GLY A 45 17.17 2.82 -5.78
N ASP A 46 17.89 1.69 -5.86
CA ASP A 46 19.08 1.44 -5.03
C ASP A 46 18.83 1.74 -3.56
N VAL A 47 17.72 1.19 -3.04
CA VAL A 47 17.38 1.28 -1.63
C VAL A 47 17.01 -0.12 -1.16
N THR A 48 17.10 -0.35 0.14
CA THR A 48 16.63 -1.59 0.72
C THR A 48 15.56 -1.27 1.74
N ALA A 49 14.75 -2.27 2.02
CA ALA A 49 13.66 -2.16 2.97
C ALA A 49 14.24 -2.20 4.38
N LYS A 50 13.81 -1.28 5.25
CA LYS A 50 14.30 -1.24 6.62
C LYS A 50 13.16 -1.33 7.59
N ASN A 51 13.48 -1.66 8.85
N ASN A 51 13.46 -1.77 8.82
CA ASN A 51 12.46 -1.81 9.89
CA ASN A 51 12.46 -1.74 9.88
C ASN A 51 11.29 -2.65 9.40
C ASN A 51 11.29 -2.67 9.51
N VAL A 52 11.65 -3.84 8.97
CA VAL A 52 10.75 -4.72 8.22
C VAL A 52 9.95 -5.57 9.18
N VAL A 53 8.64 -5.68 8.93
CA VAL A 53 7.76 -6.50 9.74
C VAL A 53 7.05 -7.46 8.79
N LEU A 54 7.07 -8.74 9.09
CA LEU A 54 6.55 -9.78 8.21
CA LEU A 54 6.53 -9.77 8.21
C LEU A 54 5.48 -10.54 8.99
N GLY A 55 4.26 -10.54 8.47
CA GLY A 55 3.18 -11.16 9.20
C GLY A 55 2.10 -11.71 8.29
N GLN A 56 0.95 -12.01 8.86
CA GLN A 56 -0.22 -12.47 8.07
C GLN A 56 -1.46 -11.79 8.61
N ILE A 57 -2.42 -11.52 7.72
CA ILE A 57 -3.76 -11.04 8.10
C ILE A 57 -4.72 -12.06 7.54
N ARG A 58 -5.41 -12.79 8.44
CA ARG A 58 -6.37 -13.82 8.08
C ARG A 58 -5.82 -14.71 6.97
N GLY A 59 -4.58 -15.12 7.13
CA GLY A 59 -4.02 -16.11 6.24
C GLY A 59 -3.24 -15.56 5.07
N GLU A 60 -3.21 -14.26 4.87
CA GLU A 60 -2.54 -13.69 3.72
C GLU A 60 -1.33 -12.89 4.22
N ALA A 61 -0.19 -13.04 3.53
CA ALA A 61 1.03 -12.34 3.93
C ALA A 61 0.83 -10.81 3.91
N VAL A 62 1.41 -10.15 4.92
CA VAL A 62 1.47 -8.70 4.95
C VAL A 62 2.90 -8.31 5.33
N PHE A 63 3.46 -7.36 4.61
CA PHE A 63 4.82 -6.85 4.88
C PHE A 63 4.75 -5.35 5.14
N ILE A 64 5.46 -4.86 6.14
CA ILE A 64 5.48 -3.45 6.49
C ILE A 64 6.93 -3.05 6.56
N PHE A 65 7.29 -1.94 5.91
CA PHE A 65 8.71 -1.60 5.86
C PHE A 65 8.87 -0.13 5.52
N ASP A 66 10.06 0.41 5.79
CA ASP A 66 10.38 1.78 5.44
C ASP A 66 11.31 1.79 4.23
N ILE A 67 11.07 2.75 3.35
CA ILE A 67 12.02 3.11 2.29
C ILE A 67 12.57 4.45 2.69
N GLU A 68 13.85 4.49 3.12
CA GLU A 68 14.37 5.68 3.82
C GLU A 68 13.99 7.01 3.18
N GLU A 69 13.46 7.91 4.01
CA GLU A 69 13.06 9.26 3.61
C GLU A 69 12.10 9.27 2.42
N VAL A 70 11.33 8.20 2.24
CA VAL A 70 10.35 8.19 1.15
C VAL A 70 8.98 7.85 1.72
N ALA A 71 8.87 6.67 2.33
CA ALA A 71 7.57 6.20 2.76
C ALA A 71 7.72 5.00 3.67
N THR A 72 6.67 4.75 4.46
CA THR A 72 6.43 3.46 5.08
C THR A 72 5.36 2.79 4.25
N VAL A 73 5.60 1.56 3.82
CA VAL A 73 4.72 0.82 2.93
C VAL A 73 4.15 -0.39 3.65
N ILE A 74 2.88 -0.68 3.42
CA ILE A 74 2.24 -1.92 3.86
C ILE A 74 1.77 -2.63 2.60
N ALA A 75 2.25 -3.88 2.40
CA ALA A 75 1.87 -4.69 1.23
C ALA A 75 1.11 -5.92 1.70
N LEU A 76 -0.10 -6.11 1.16
CA LEU A 76 -0.96 -7.23 1.55
C LEU A 76 -1.17 -8.18 0.37
N HIS A 77 -0.95 -9.47 0.59
CA HIS A 77 -1.10 -10.41 -0.51
C HIS A 77 -2.56 -10.61 -0.93
N ARG A 78 -2.80 -10.65 -2.24
N ARG A 78 -2.80 -10.66 -2.23
CA ARG A 78 -4.15 -10.85 -2.79
CA ARG A 78 -4.14 -10.83 -2.77
C ARG A 78 -4.40 -12.33 -3.05
C ARG A 78 -4.41 -12.31 -3.06
N LYS A 79 -5.63 -12.74 -2.80
CA LYS A 79 -5.97 -14.16 -2.99
C LYS A 79 -6.00 -14.53 -4.46
N VAL A 80 -6.54 -13.66 -5.32
CA VAL A 80 -6.64 -13.89 -6.75
C VAL A 80 -5.96 -12.75 -7.49
N GLY A 81 -5.04 -13.07 -8.40
CA GLY A 81 -4.32 -12.03 -9.13
C GLY A 81 -5.17 -11.31 -10.16
N THR A 82 -4.70 -10.12 -10.54
CA THR A 82 -5.31 -9.36 -11.62
C THR A 82 -4.24 -8.69 -12.45
N ASN A 83 -4.53 -8.45 -13.74
CA ASN A 83 -3.63 -7.62 -14.54
C ASN A 83 -4.02 -6.16 -14.53
N VAL A 84 -5.12 -5.78 -13.92
CA VAL A 84 -5.48 -4.36 -13.84
C VAL A 84 -4.77 -3.72 -12.65
N VAL A 85 -4.31 -2.47 -12.82
CA VAL A 85 -3.74 -1.68 -11.72
C VAL A 85 -4.68 -0.52 -11.44
N VAL A 86 -5.07 -0.36 -10.21
CA VAL A 86 -5.75 0.86 -9.73
C VAL A 86 -4.80 1.55 -8.76
N ASP A 87 -4.69 2.88 -8.88
CA ASP A 87 -3.86 3.70 -8.01
C ASP A 87 -4.75 4.85 -7.54
N LEU A 88 -4.90 4.96 -6.24
CA LEU A 88 -5.75 5.98 -5.58
C LEU A 88 -4.81 6.82 -4.72
N ARG A 89 -4.62 8.11 -5.06
CA ARG A 89 -3.62 8.92 -4.36
C ARG A 89 -4.16 10.30 -4.10
N LEU A 90 -3.59 10.97 -3.10
CA LEU A 90 -4.07 12.32 -2.78
C LEU A 90 -3.90 13.22 -4.02
N LYS A 91 -4.84 14.15 -4.18
CA LYS A 91 -4.85 15.02 -5.36
C LYS A 91 -3.59 15.89 -5.48
N GLY A 92 -2.96 16.28 -4.36
CA GLY A 92 -1.80 17.14 -4.57
C GLY A 92 -0.52 16.43 -4.99
N LEU A 93 -0.53 15.10 -5.10
CA LEU A 93 0.65 14.35 -5.48
C LEU A 93 0.74 14.23 -7.00
N LYS A 94 1.93 13.90 -7.47
CA LYS A 94 2.10 13.78 -8.92
C LYS A 94 1.35 12.56 -9.43
N GLU A 95 0.88 12.64 -10.67
CA GLU A 95 0.27 11.47 -11.29
C GLU A 95 1.32 10.37 -11.40
N PRO A 96 0.90 9.10 -11.40
CA PRO A 96 1.82 8.02 -11.71
C PRO A 96 2.54 8.35 -13.00
N ARG A 97 3.84 8.09 -13.01
CA ARG A 97 4.66 8.44 -14.18
C ARG A 97 4.56 7.43 -15.31
N GLU A 98 4.12 6.21 -15.04
CA GLU A 98 4.08 5.17 -16.06
C GLU A 98 3.17 5.56 -17.22
N ASN A 99 3.48 5.01 -18.40
CA ASN A 99 2.82 5.35 -19.65
C ASN A 99 1.66 4.42 -20.00
N ASP A 100 1.29 3.49 -19.12
CA ASP A 100 0.19 2.57 -19.36
C ASP A 100 -0.96 2.82 -18.38
N ILE A 101 -0.97 3.96 -17.71
CA ILE A 101 -1.93 4.20 -16.64
C ILE A 101 -2.45 5.63 -16.80
N TRP A 102 -3.76 5.79 -16.63
CA TRP A 102 -4.43 7.05 -16.95
C TRP A 102 -5.38 7.47 -15.84
N LEU A 103 -5.64 8.78 -15.78
CA LEU A 103 -6.62 9.34 -14.84
C LEU A 103 -8.03 8.89 -15.19
N LEU A 104 -8.68 8.21 -14.24
CA LEU A 104 -10.12 7.95 -14.32
C LEU A 104 -10.96 9.11 -13.78
N GLY A 105 -10.60 9.68 -12.63
CA GLY A 105 -11.38 10.80 -12.12
C GLY A 105 -11.00 11.11 -10.68
N ALA A 106 -11.55 12.21 -10.18
CA ALA A 106 -11.35 12.63 -8.79
C ALA A 106 -12.41 12.03 -7.91
N ILE A 107 -12.02 11.73 -6.66
CA ILE A 107 -12.99 11.41 -5.61
C ILE A 107 -12.52 12.13 -4.35
N GLY A 108 -13.20 13.19 -3.98
CA GLY A 108 -12.84 13.83 -2.74
C GLY A 108 -11.41 14.33 -2.73
N PRO A 109 -10.66 13.93 -1.71
CA PRO A 109 -9.29 14.37 -1.56
C PRO A 109 -8.35 13.63 -2.48
N ARG A 110 -8.86 12.66 -3.28
CA ARG A 110 -8.01 11.73 -4.04
C ARG A 110 -8.31 11.77 -5.54
N MET A 111 -7.38 11.17 -6.30
CA MET A 111 -7.54 10.90 -7.72
C MET A 111 -7.35 9.41 -7.94
N VAL A 112 -8.11 8.85 -8.87
CA VAL A 112 -8.03 7.45 -9.25
CA VAL A 112 -8.01 7.45 -9.25
C VAL A 112 -7.40 7.35 -10.63
N TYR A 113 -6.38 6.49 -10.76
CA TYR A 113 -5.71 6.22 -12.01
C TYR A 113 -5.82 4.71 -12.26
N SER A 114 -5.86 4.30 -13.52
CA SER A 114 -5.86 2.86 -13.77
C SER A 114 -5.31 2.53 -15.14
N THR A 115 -4.84 1.29 -15.25
CA THR A 115 -4.43 0.72 -16.53
C THR A 115 -5.64 0.26 -17.35
N ASN A 116 -6.86 0.21 -16.77
CA ASN A 116 -8.04 -0.25 -17.53
C ASN A 116 -9.19 0.58 -16.98
N LEU A 117 -9.53 1.65 -17.69
CA LEU A 117 -10.50 2.61 -17.14
C LEU A 117 -11.87 1.95 -16.95
N ASP A 118 -12.25 1.07 -17.88
CA ASP A 118 -13.54 0.39 -17.76
C ASP A 118 -13.60 -0.49 -16.52
N ALA A 119 -12.55 -1.27 -16.28
CA ALA A 119 -12.54 -2.11 -15.09
C ALA A 119 -12.52 -1.25 -13.81
N ALA A 120 -11.72 -0.17 -13.82
CA ALA A 120 -11.65 0.67 -12.63
C ALA A 120 -12.99 1.36 -12.36
N ARG A 121 -13.70 1.75 -13.42
CA ARG A 121 -15.05 2.29 -13.25
C ARG A 121 -15.94 1.32 -12.49
N ARG A 122 -15.86 0.03 -12.85
CA ARG A 122 -16.69 -0.96 -12.17
C ARG A 122 -16.34 -1.07 -10.69
N ALA A 123 -15.04 -0.97 -10.36
CA ALA A 123 -14.61 -1.00 -8.96
C ALA A 123 -14.97 0.29 -8.22
N CYS A 124 -15.24 1.38 -8.91
CA CYS A 124 -15.47 2.66 -8.23
C CYS A 124 -16.97 2.91 -8.00
N ASP A 125 -17.54 2.09 -7.14
CA ASP A 125 -18.94 2.25 -6.80
C ASP A 125 -19.09 3.06 -5.51
N ARG A 126 -20.26 3.01 -4.89
CA ARG A 126 -20.52 3.80 -3.68
C ARG A 126 -19.53 3.47 -2.55
N ARG A 127 -19.16 2.17 -2.42
CA ARG A 127 -18.25 1.83 -1.34
C ARG A 127 -16.89 2.43 -1.59
N MET A 128 -16.46 2.48 -2.86
CA MET A 128 -15.18 3.12 -3.17
C MET A 128 -15.26 4.61 -2.93
N VAL A 129 -16.36 5.25 -3.32
CA VAL A 129 -16.49 6.69 -3.08
C VAL A 129 -16.42 6.99 -1.59
N THR A 130 -17.18 6.24 -0.79
CA THR A 130 -17.11 6.49 0.65
C THR A 130 -15.69 6.29 1.16
N PHE A 131 -15.02 5.19 0.77
CA PHE A 131 -13.66 4.92 1.21
C PHE A 131 -12.70 6.07 0.86
N ALA A 132 -12.76 6.56 -0.37
CA ALA A 132 -11.83 7.63 -0.76
C ALA A 132 -12.00 8.88 0.10
N HIS A 133 -13.22 9.11 0.57
CA HIS A 133 -13.45 10.22 1.50
C HIS A 133 -13.11 9.89 2.95
N THR A 134 -13.24 8.63 3.39
CA THR A 134 -13.05 8.29 4.81
C THR A 134 -11.64 7.84 5.16
N ALA A 135 -10.90 7.29 4.21
CA ALA A 135 -9.56 6.80 4.53
C ALA A 135 -8.70 7.95 5.01
N PRO A 136 -7.84 7.74 6.00
CA PRO A 136 -7.02 8.84 6.53
C PRO A 136 -6.08 9.44 5.48
N ASP A 137 -5.80 10.75 5.63
CA ASP A 137 -4.89 11.38 4.69
C ASP A 137 -3.49 10.77 4.77
N CYS A 138 -3.14 10.07 5.85
CA CYS A 138 -1.82 9.46 5.90
C CYS A 138 -1.67 8.35 4.85
N ALA A 139 -2.79 7.79 4.38
CA ALA A 139 -2.75 6.79 3.30
C ALA A 139 -2.62 7.54 1.97
N GLU A 140 -1.41 7.99 1.68
N GLU A 140 -1.41 7.98 1.67
CA GLU A 140 -1.19 8.96 0.61
CA GLU A 140 -1.19 8.97 0.62
C GLU A 140 -1.34 8.33 -0.77
C GLU A 140 -1.25 8.38 -0.78
N ILE A 141 -0.80 7.14 -0.96
CA ILE A 141 -0.86 6.45 -2.25
C ILE A 141 -1.26 5.02 -1.91
N MET A 142 -2.32 4.53 -2.54
CA MET A 142 -2.78 3.14 -2.42
C MET A 142 -2.87 2.57 -3.82
N TRP A 143 -2.41 1.34 -4.02
CA TRP A 143 -2.43 0.79 -5.37
C TRP A 143 -2.34 -0.71 -5.27
N ASN A 144 -2.69 -1.38 -6.36
CA ASN A 144 -2.42 -2.81 -6.44
C ASN A 144 -1.51 -3.14 -7.60
N GLU A 145 -0.87 -4.30 -7.45
CA GLU A 145 -0.14 -4.96 -8.52
C GLU A 145 -0.77 -6.34 -8.66
N GLN A 146 -0.12 -7.26 -9.38
CA GLN A 146 -0.83 -8.46 -9.73
C GLN A 146 -1.33 -9.23 -8.50
N ASN A 147 -0.45 -9.45 -7.51
CA ASN A 147 -0.76 -10.27 -6.36
C ASN A 147 -0.70 -9.54 -5.03
N TRP A 148 -0.69 -8.20 -5.06
CA TRP A 148 -0.50 -7.43 -3.84
C TRP A 148 -1.33 -6.14 -3.91
N THR A 149 -1.79 -5.69 -2.76
CA THR A 149 -2.41 -4.36 -2.63
C THR A 149 -1.56 -3.67 -1.57
N LEU A 150 -1.22 -2.38 -1.83
CA LEU A 150 -0.25 -1.64 -1.04
C LEU A 150 -0.76 -0.25 -0.65
N VAL A 151 -0.31 0.20 0.50
N VAL A 151 -0.28 0.21 0.49
CA VAL A 151 -0.50 1.59 0.92
CA VAL A 151 -0.51 1.57 0.98
C VAL A 151 0.86 2.17 1.30
C VAL A 151 0.83 2.17 1.35
N ALA A 152 1.09 3.41 0.90
CA ALA A 152 2.27 4.16 1.26
C ALA A 152 1.85 5.32 2.14
N MET A 153 2.54 5.51 3.26
N MET A 153 2.61 5.55 3.20
CA MET A 153 2.32 6.63 4.17
CA MET A 153 2.36 6.60 4.18
C MET A 153 3.64 7.28 4.53
C MET A 153 3.66 7.33 4.46
N PRO A 154 3.61 8.46 5.14
CA PRO A 154 4.88 9.09 5.56
C PRO A 154 5.65 8.21 6.56
N VAL A 155 6.99 8.31 6.50
CA VAL A 155 7.84 7.52 7.41
C VAL A 155 7.69 8.01 8.83
N THR A 156 7.27 9.23 9.02
CA THR A 156 7.03 9.77 10.34
C THR A 156 5.74 9.23 10.95
N SER A 157 5.02 8.34 10.26
N SER A 157 5.04 8.32 10.27
CA SER A 157 3.82 7.80 10.85
CA SER A 157 3.83 7.71 10.82
C SER A 157 4.19 7.04 12.13
C SER A 157 4.17 6.95 12.10
N ASN A 158 3.21 6.90 13.02
CA ASN A 158 3.41 6.30 14.34
C ASN A 158 2.61 5.03 14.45
N ARG A 159 2.67 4.35 15.63
CA ARG A 159 2.04 3.03 15.70
C ARG A 159 0.55 3.04 15.50
N ALA A 160 -0.13 4.09 15.95
CA ALA A 160 -1.57 4.18 15.67
C ALA A 160 -1.79 4.30 14.16
N GLN A 161 -0.92 5.03 13.45
CA GLN A 161 -1.05 5.11 12.00
C GLN A 161 -0.71 3.79 11.31
N TRP A 162 0.24 3.02 11.87
CA TRP A 162 0.50 1.68 11.29
C TRP A 162 -0.71 0.80 11.46
N ASP A 163 -1.36 0.83 12.63
CA ASP A 163 -2.59 0.05 12.80
C ASP A 163 -3.69 0.53 11.85
N GLU A 164 -3.87 1.85 11.70
CA GLU A 164 -4.88 2.29 10.77
C GLU A 164 -4.51 1.91 9.34
N GLY A 165 -3.21 1.85 9.04
CA GLY A 165 -2.78 1.44 7.70
C GLY A 165 -3.12 0.00 7.41
N LEU A 166 -2.97 -0.89 8.42
CA LEU A 166 -3.42 -2.27 8.21
C LEU A 166 -4.89 -2.30 7.88
N ARG A 167 -5.71 -1.53 8.60
N ARG A 167 -5.71 -1.55 8.62
CA ARG A 167 -7.13 -1.53 8.29
CA ARG A 167 -7.13 -1.52 8.28
C ARG A 167 -7.40 -0.94 6.91
C ARG A 167 -7.33 -1.00 6.86
N THR A 168 -6.66 0.11 6.53
CA THR A 168 -6.87 0.75 5.24
C THR A 168 -6.51 -0.19 4.09
N VAL A 169 -5.36 -0.88 4.17
CA VAL A 169 -4.96 -1.75 3.07
C VAL A 169 -5.94 -2.90 2.92
N ARG A 170 -6.44 -3.41 4.05
CA ARG A 170 -7.45 -4.48 4.01
C ARG A 170 -8.73 -3.99 3.34
N GLN A 171 -9.17 -2.78 3.68
CA GLN A 171 -10.39 -2.26 3.07
C GLN A 171 -10.21 -2.01 1.59
N PHE A 172 -9.08 -1.41 1.20
CA PHE A 172 -8.83 -1.18 -0.23
C PHE A 172 -8.73 -2.48 -0.98
N ASN A 173 -8.04 -3.47 -0.43
CA ASN A 173 -7.97 -4.77 -1.06
C ASN A 173 -9.34 -5.38 -1.26
N ASP A 174 -10.21 -5.27 -0.26
CA ASP A 174 -11.57 -5.79 -0.39
C ASP A 174 -12.29 -5.13 -1.56
N LEU A 175 -12.11 -3.82 -1.73
CA LEU A 175 -12.80 -3.10 -2.79
C LEU A 175 -12.28 -3.50 -4.16
N LEU A 176 -11.03 -3.94 -4.25
CA LEU A 176 -10.43 -4.33 -5.52
C LEU A 176 -10.61 -5.82 -5.81
N ARG A 177 -11.35 -6.54 -4.96
CA ARG A 177 -11.61 -7.96 -5.25
C ARG A 177 -12.34 -8.16 -6.58
N VAL A 178 -13.07 -7.12 -7.05
CA VAL A 178 -13.84 -7.14 -8.31
C VAL A 178 -12.95 -7.03 -9.55
N LEU A 179 -11.65 -6.74 -9.41
CA LEU A 179 -10.81 -6.62 -10.59
C LEU A 179 -10.69 -7.99 -11.28
N PRO A 180 -10.61 -8.01 -12.61
CA PRO A 180 -10.75 -9.30 -13.32
C PRO A 180 -9.54 -10.18 -13.10
N PRO A 181 -9.72 -11.50 -13.14
CA PRO A 181 -8.59 -12.41 -12.98
C PRO A 181 -7.63 -12.34 -14.16
N VAL A 182 -6.41 -12.81 -13.93
CA VAL A 182 -5.43 -12.86 -15.03
C VAL A 182 -5.91 -13.87 -16.06
N PRO A 183 -5.98 -13.49 -17.34
CA PRO A 183 -6.42 -14.47 -18.36
C PRO A 183 -5.47 -15.67 -18.45
N GLN A 184 -6.06 -16.81 -18.76
CA GLN A 184 -5.28 -18.05 -18.89
C GLN A 184 -4.42 -18.05 -20.14
#